data_3NZ0
#
_entry.id   3NZ0
#
_cell.length_a   56.590
_cell.length_b   64.910
_cell.length_c   83.020
_cell.angle_alpha   90.00
_cell.angle_beta   90.00
_cell.angle_gamma   90.00
#
_symmetry.space_group_name_H-M   'P 21 21 21'
#
loop_
_entity.id
_entity.type
_entity.pdbx_description
1 polymer 'Non-receptor tyrosine-protein kinase TYK2'
2 non-polymer 2-TERT-BUTYL-9-FLUORO-3,6-DIHYDRO-7H-BENZ[H]-IMIDAZ[4,5-F]ISOQUINOLINE-7-ONE
3 water water
#
_entity_poly.entity_id   1
_entity_poly.type   'polypeptide(L)'
_entity_poly.pdbx_seq_one_letter_code
;MGSPASDPTVFHKRYLKKIRDLGEGHFGKVSLYCYDPTNDGTGEMVAVKALKADCGPQHRSGWKQEIDILRTLYHEHIIK
YKGCCEDQGEKSLQLVMEYVPLGSLRDYLPRHSIGLAQLLLFAQQICEGMAYLHAQHYIHRNLAARNVLLDNDRLVKIGD
FGLAKAVPEGHEYYRVREDGDSPVFWYAPECLKEYKFYYASDVWSFGVTLYELLTHCDSSQSPPTKFLELIGIAQGQMTV
LRLTELLERGERLPRPDKCPCEVYHLMKNCWETEASFRPTFENLIPILKTVHEKYRHHHHHH
;
_entity_poly.pdbx_strand_id   A
#
loop_
_chem_comp.id
_chem_comp.type
_chem_comp.name
_chem_comp.formula
IZA non-polymer 2-TERT-BUTYL-9-FLUORO-3,6-DIHYDRO-7H-BENZ[H]-IMIDAZ[4,5-F]ISOQUINOLINE-7-ONE 'C18 H16 F N3 O'
#
# COMPACT_ATOMS: atom_id res chain seq x y z
N ASP A 7 -16.98 -18.31 -16.02
CA ASP A 7 -15.55 -18.27 -15.59
C ASP A 7 -15.45 -18.27 -14.06
N PRO A 8 -14.26 -18.66 -13.53
CA PRO A 8 -14.07 -18.71 -12.08
C PRO A 8 -13.99 -17.34 -11.40
N THR A 9 -14.08 -16.27 -12.19
CA THR A 9 -14.12 -14.91 -11.69
C THR A 9 -15.51 -14.47 -11.22
N VAL A 10 -16.52 -15.32 -11.44
CA VAL A 10 -17.89 -15.00 -10.99
C VAL A 10 -18.19 -15.68 -9.66
N PHE A 11 -18.42 -14.87 -8.64
CA PHE A 11 -18.78 -15.36 -7.30
C PHE A 11 -20.24 -15.00 -7.03
N HIS A 12 -21.07 -16.00 -6.78
CA HIS A 12 -22.49 -15.78 -6.46
C HIS A 12 -22.67 -15.45 -4.99
N LYS A 13 -23.32 -14.32 -4.72
CA LYS A 13 -23.51 -13.80 -3.35
C LYS A 13 -24.17 -14.80 -2.42
N ARG A 14 -25.08 -15.60 -2.96
CA ARG A 14 -25.83 -16.57 -2.16
C ARG A 14 -24.94 -17.67 -1.53
N TYR A 15 -23.74 -17.87 -2.07
CA TYR A 15 -22.79 -18.86 -1.53
C TYR A 15 -21.71 -18.25 -0.62
N LEU A 16 -21.71 -16.93 -0.48
CA LEU A 16 -20.74 -16.23 0.38
C LEU A 16 -21.23 -16.21 1.82
N LYS A 17 -20.49 -16.89 2.71
CA LYS A 17 -20.83 -16.98 4.13
C LYS A 17 -19.85 -16.16 4.96
N LYS A 18 -20.31 -15.05 5.54
CA LYS A 18 -19.42 -14.13 6.25
C LYS A 18 -18.90 -14.74 7.55
N ILE A 19 -17.60 -14.64 7.78
CA ILE A 19 -16.99 -15.13 9.01
C ILE A 19 -16.64 -13.98 9.94
N ARG A 20 -15.86 -13.02 9.43
N ARG A 20 -15.87 -13.01 9.42
CA ARG A 20 -15.49 -11.83 10.20
CA ARG A 20 -15.46 -11.84 10.20
C ARG A 20 -14.98 -10.71 9.30
C ARG A 20 -14.98 -10.71 9.30
N ASP A 21 -14.78 -9.54 9.89
CA ASP A 21 -14.15 -8.41 9.19
C ASP A 21 -12.64 -8.53 9.33
N LEU A 22 -11.91 -8.00 8.35
CA LEU A 22 -10.45 -8.12 8.29
C LEU A 22 -9.74 -6.77 8.35
N GLY A 23 -10.19 -5.82 7.54
CA GLY A 23 -9.54 -4.52 7.50
C GLY A 23 -10.33 -3.46 6.77
N GLU A 24 -10.00 -2.20 7.06
CA GLU A 24 -10.65 -1.05 6.46
C GLU A 24 -9.67 -0.33 5.53
N GLY A 25 -10.05 -0.18 4.26
CA GLY A 25 -9.29 0.58 3.29
C GLY A 25 -9.93 1.92 2.99
N HIS A 26 -9.47 2.58 1.92
CA HIS A 26 -9.95 3.91 1.53
C HIS A 26 -11.45 3.92 1.22
N PHE A 27 -11.85 3.13 0.23
CA PHE A 27 -13.26 3.00 -0.16
C PHE A 27 -14.01 1.90 0.59
N GLY A 28 -13.29 0.83 0.90
CA GLY A 28 -13.94 -0.44 1.23
C GLY A 28 -13.47 -1.11 2.51
N LYS A 29 -14.37 -1.94 3.05
CA LYS A 29 -14.07 -2.81 4.17
C LYS A 29 -13.85 -4.22 3.64
N VAL A 30 -12.76 -4.86 4.08
CA VAL A 30 -12.43 -6.22 3.68
C VAL A 30 -12.90 -7.16 4.78
N SER A 31 -13.57 -8.23 4.38
CA SER A 31 -14.10 -9.23 5.31
C SER A 31 -13.75 -10.64 4.83
N LEU A 32 -13.73 -11.58 5.78
CA LEU A 32 -13.46 -12.97 5.51
C LEU A 32 -14.77 -13.72 5.25
N TYR A 33 -14.80 -14.48 4.16
CA TYR A 33 -15.95 -15.28 3.77
C TYR A 33 -15.49 -16.68 3.42
N CYS A 34 -16.38 -17.65 3.63
CA CYS A 34 -16.27 -18.96 3.04
C CYS A 34 -17.17 -18.98 1.81
N TYR A 35 -16.58 -19.19 0.63
CA TYR A 35 -17.37 -19.35 -0.59
C TYR A 35 -17.77 -20.82 -0.67
N ASP A 36 -19.05 -21.09 -0.42
CA ASP A 36 -19.49 -22.45 -0.07
C ASP A 36 -20.68 -22.92 -0.91
N PRO A 37 -20.44 -23.20 -2.22
CA PRO A 37 -21.50 -23.69 -3.12
C PRO A 37 -22.24 -24.94 -2.62
N THR A 38 -21.52 -25.82 -1.93
CA THR A 38 -22.12 -27.06 -1.42
C THR A 38 -22.83 -26.87 -0.08
N ASN A 39 -22.76 -25.64 0.46
CA ASN A 39 -23.43 -25.28 1.71
C ASN A 39 -23.05 -26.26 2.82
N ASP A 40 -21.74 -26.50 2.88
CA ASP A 40 -21.16 -27.67 3.53
C ASP A 40 -20.07 -27.31 4.55
N GLY A 41 -19.67 -26.03 4.57
CA GLY A 41 -18.52 -25.59 5.36
C GLY A 41 -17.18 -25.97 4.78
N THR A 42 -17.15 -26.51 3.56
CA THR A 42 -15.92 -27.01 2.93
C THR A 42 -15.36 -26.08 1.87
N GLY A 43 -16.05 -24.96 1.63
CA GLY A 43 -15.67 -24.04 0.57
C GLY A 43 -14.39 -23.29 0.82
N GLU A 44 -13.87 -22.67 -0.24
CA GLU A 44 -12.63 -21.88 -0.18
C GLU A 44 -12.80 -20.62 0.66
N MET A 45 -11.80 -20.29 1.46
CA MET A 45 -11.79 -19.03 2.20
C MET A 45 -11.25 -17.92 1.29
N VAL A 46 -12.00 -16.83 1.20
CA VAL A 46 -11.66 -15.69 0.35
C VAL A 46 -11.86 -14.38 1.11
N ALA A 47 -11.12 -13.35 0.70
CA ALA A 47 -11.32 -11.99 1.20
C ALA A 47 -12.23 -11.25 0.23
N VAL A 48 -13.27 -10.63 0.76
CA VAL A 48 -14.23 -9.87 -0.05
C VAL A 48 -14.26 -8.44 0.45
N LYS A 49 -14.09 -7.50 -0.48
CA LYS A 49 -14.08 -6.07 -0.15
C LYS A 49 -15.33 -5.42 -0.72
N ALA A 50 -15.94 -4.55 0.08
CA ALA A 50 -17.18 -3.88 -0.28
C ALA A 50 -17.06 -2.38 -0.04
N LEU A 51 -17.69 -1.59 -0.90
CA LEU A 51 -17.80 -0.15 -0.71
C LEU A 51 -18.34 0.11 0.69
N LYS A 52 -17.72 1.01 1.44
CA LYS A 52 -18.14 1.32 2.80
C LYS A 52 -19.62 1.71 2.86
N ALA A 53 -20.30 1.31 3.93
CA ALA A 53 -21.74 1.53 4.10
C ALA A 53 -22.13 3.00 4.09
N ASP A 54 -21.23 3.87 4.54
CA ASP A 54 -21.48 5.31 4.63
C ASP A 54 -20.81 6.13 3.50
N CYS A 55 -20.37 5.46 2.43
CA CYS A 55 -20.05 6.11 1.16
C CYS A 55 -21.34 6.32 0.36
N GLY A 56 -21.53 7.52 -0.20
CA GLY A 56 -22.65 7.79 -1.10
C GLY A 56 -22.40 7.32 -2.53
N PRO A 57 -23.34 7.62 -3.45
CA PRO A 57 -23.25 7.21 -4.85
C PRO A 57 -22.04 7.78 -5.62
N GLN A 58 -21.55 8.94 -5.19
CA GLN A 58 -20.39 9.58 -5.83
C GLN A 58 -19.09 8.79 -5.70
N HIS A 59 -19.03 7.83 -4.77
CA HIS A 59 -17.86 6.98 -4.59
C HIS A 59 -17.87 5.71 -5.44
N ARG A 60 -19.00 5.43 -6.09
CA ARG A 60 -19.15 4.21 -6.89
C ARG A 60 -18.18 4.15 -8.06
N SER A 61 -17.97 5.27 -8.76
CA SER A 61 -17.04 5.30 -9.90
C SER A 61 -15.58 5.04 -9.47
N GLY A 62 -15.18 5.65 -8.35
CA GLY A 62 -13.84 5.43 -7.79
C GLY A 62 -13.63 4.00 -7.33
N TRP A 63 -14.68 3.41 -6.78
CA TRP A 63 -14.65 2.03 -6.30
C TRP A 63 -14.52 1.03 -7.47
N LYS A 64 -15.33 1.23 -8.50
CA LYS A 64 -15.25 0.39 -9.69
C LYS A 64 -13.86 0.47 -10.33
N GLN A 65 -13.27 1.66 -10.33
CA GLN A 65 -11.90 1.86 -10.85
C GLN A 65 -10.84 1.06 -10.07
N GLU A 66 -10.97 0.98 -8.76
CA GLU A 66 -10.10 0.13 -7.94
C GLU A 66 -10.16 -1.32 -8.39
N ILE A 67 -11.38 -1.82 -8.57
CA ILE A 67 -11.60 -3.18 -9.06
C ILE A 67 -11.00 -3.39 -10.46
N ASP A 68 -11.29 -2.45 -11.36
CA ASP A 68 -10.75 -2.47 -12.72
C ASP A 68 -9.22 -2.52 -12.72
N ILE A 69 -8.60 -1.73 -11.85
CA ILE A 69 -7.14 -1.68 -11.78
C ILE A 69 -6.57 -3.02 -11.28
N LEU A 70 -7.03 -3.49 -10.12
CA LEU A 70 -6.49 -4.72 -9.53
C LEU A 70 -6.62 -5.92 -10.49
N ARG A 71 -7.74 -5.99 -11.18
CA ARG A 71 -7.99 -7.04 -12.17
C ARG A 71 -6.95 -7.12 -13.29
N THR A 72 -6.31 -5.98 -13.61
CA THR A 72 -5.30 -5.92 -14.67
C THR A 72 -3.88 -6.20 -14.15
N LEU A 73 -3.77 -6.49 -12.86
CA LEU A 73 -2.48 -6.69 -12.20
C LEU A 73 -2.27 -8.16 -11.83
N TYR A 74 -1.08 -8.67 -12.17
N TYR A 74 -1.10 -8.68 -12.19
CA TYR A 74 -0.70 -10.06 -11.90
CA TYR A 74 -0.70 -10.06 -11.93
C TYR A 74 0.78 -10.11 -11.55
C TYR A 74 0.79 -10.09 -11.55
N HIS A 75 1.07 -10.22 -10.26
CA HIS A 75 2.45 -10.24 -9.76
C HIS A 75 2.49 -10.85 -8.37
N GLU A 76 3.58 -11.54 -8.06
CA GLU A 76 3.72 -12.25 -6.80
C GLU A 76 3.77 -11.34 -5.57
N HIS A 77 3.98 -10.05 -5.77
CA HIS A 77 3.97 -9.08 -4.65
C HIS A 77 2.83 -8.06 -4.72
N ILE A 78 1.77 -8.45 -5.42
CA ILE A 78 0.51 -7.72 -5.47
C ILE A 78 -0.60 -8.66 -5.03
N ILE A 79 -1.46 -8.20 -4.14
CA ILE A 79 -2.61 -8.98 -3.69
C ILE A 79 -3.41 -9.51 -4.90
N LYS A 80 -3.79 -10.78 -4.83
CA LYS A 80 -4.36 -11.46 -5.99
C LYS A 80 -5.85 -11.21 -6.16
N TYR A 81 -6.23 -10.68 -7.32
CA TYR A 81 -7.62 -10.57 -7.73
C TYR A 81 -8.17 -11.97 -8.06
N LYS A 82 -9.29 -12.33 -7.44
CA LYS A 82 -9.97 -13.59 -7.72
C LYS A 82 -11.21 -13.39 -8.57
N GLY A 83 -11.95 -12.31 -8.31
CA GLY A 83 -13.12 -11.99 -9.09
C GLY A 83 -13.99 -10.93 -8.46
N CYS A 84 -15.26 -10.91 -8.88
CA CYS A 84 -16.26 -10.00 -8.33
C CYS A 84 -17.51 -10.77 -7.93
N CYS A 85 -18.29 -10.15 -7.04
CA CYS A 85 -19.60 -10.64 -6.68
C CYS A 85 -20.63 -9.53 -6.90
N GLU A 86 -21.55 -9.74 -7.83
CA GLU A 86 -22.58 -8.76 -8.13
C GLU A 86 -23.80 -9.01 -7.25
N ASP A 87 -24.20 -7.97 -6.52
CA ASP A 87 -25.45 -8.01 -5.76
C ASP A 87 -26.59 -7.88 -6.75
N GLN A 88 -27.41 -8.93 -6.84
CA GLN A 88 -28.63 -8.87 -7.61
C GLN A 88 -29.61 -8.01 -6.83
N GLY A 89 -30.01 -6.88 -7.39
CA GLY A 89 -30.84 -5.90 -6.70
C GLY A 89 -30.20 -4.53 -6.53
N GLU A 90 -29.12 -4.28 -7.28
CA GLU A 90 -28.50 -2.95 -7.39
C GLU A 90 -27.88 -2.42 -6.10
N LYS A 91 -27.64 -3.30 -5.13
CA LYS A 91 -26.98 -2.92 -3.87
C LYS A 91 -25.46 -3.17 -3.92
N SER A 92 -24.89 -2.99 -5.11
CA SER A 92 -23.43 -2.83 -5.39
C SER A 92 -22.60 -4.06 -5.93
N LEU A 93 -21.29 -3.85 -5.99
CA LEU A 93 -20.33 -4.81 -6.54
C LEU A 93 -19.24 -5.07 -5.48
N GLN A 94 -18.91 -6.34 -5.24
CA GLN A 94 -17.87 -6.70 -4.26
C GLN A 94 -16.64 -7.29 -4.93
N LEU A 95 -15.47 -6.94 -4.39
CA LEU A 95 -14.18 -7.38 -4.91
C LEU A 95 -13.73 -8.62 -4.14
N VAL A 96 -13.47 -9.71 -4.87
CA VAL A 96 -13.04 -10.97 -4.24
C VAL A 96 -11.53 -11.14 -4.46
N MET A 97 -10.81 -11.40 -3.37
CA MET A 97 -9.34 -11.52 -3.39
C MET A 97 -8.88 -12.73 -2.60
N GLU A 98 -7.63 -13.13 -2.82
CA GLU A 98 -7.01 -14.16 -1.99
C GLU A 98 -7.05 -13.73 -0.51
N TYR A 99 -7.19 -14.71 0.37
CA TYR A 99 -7.16 -14.48 1.81
C TYR A 99 -5.74 -14.71 2.34
N VAL A 100 -5.21 -13.69 3.01
CA VAL A 100 -3.87 -13.75 3.60
C VAL A 100 -3.99 -13.50 5.11
N PRO A 101 -4.15 -14.57 5.91
CA PRO A 101 -4.44 -14.53 7.35
C PRO A 101 -3.49 -13.69 8.20
N LEU A 102 -2.23 -13.58 7.79
CA LEU A 102 -1.24 -12.82 8.56
C LEU A 102 -1.52 -11.31 8.60
N GLY A 103 -2.28 -10.82 7.63
CA GLY A 103 -2.66 -9.41 7.59
C GLY A 103 -1.52 -8.51 7.17
N SER A 104 -1.55 -7.27 7.67
CA SER A 104 -0.62 -6.24 7.21
C SER A 104 0.70 -6.24 7.97
N LEU A 105 1.72 -5.64 7.34
CA LEU A 105 3.02 -5.42 8.00
C LEU A 105 2.88 -4.56 9.24
N ARG A 106 2.00 -3.56 9.18
CA ARG A 106 1.76 -2.68 10.31
C ARG A 106 1.29 -3.43 11.56
N ASP A 107 0.43 -4.43 11.36
CA ASP A 107 -0.08 -5.24 12.47
C ASP A 107 0.85 -6.39 12.85
N TYR A 108 1.69 -6.81 11.90
CA TYR A 108 2.59 -7.95 12.09
C TYR A 108 3.85 -7.56 12.88
N LEU A 109 4.46 -6.43 12.52
CA LEU A 109 5.76 -6.03 13.08
C LEU A 109 5.79 -5.85 14.61
N PRO A 110 4.79 -5.15 15.20
CA PRO A 110 4.81 -4.97 16.64
C PRO A 110 4.83 -6.26 17.46
N ARG A 111 4.16 -7.31 16.98
CA ARG A 111 4.02 -8.57 17.71
C ARG A 111 5.18 -9.56 17.56
N HIS A 112 6.08 -9.31 16.62
CA HIS A 112 7.18 -10.23 16.34
C HIS A 112 8.53 -9.53 16.40
N SER A 113 9.56 -10.25 16.83
CA SER A 113 10.93 -9.75 16.79
C SER A 113 11.54 -10.07 15.44
N ILE A 114 11.67 -9.04 14.60
CA ILE A 114 12.14 -9.21 13.22
C ILE A 114 13.47 -8.47 13.06
N GLY A 115 14.49 -9.16 12.56
CA GLY A 115 15.81 -8.57 12.43
C GLY A 115 15.92 -7.74 11.16
N LEU A 116 16.98 -6.92 11.12
CA LEU A 116 17.21 -5.98 10.02
C LEU A 116 17.19 -6.61 8.62
N ALA A 117 17.85 -7.75 8.45
CA ALA A 117 17.90 -8.41 7.13
C ALA A 117 16.50 -8.75 6.62
N GLN A 118 15.63 -9.24 7.50
CA GLN A 118 14.26 -9.58 7.11
C GLN A 118 13.44 -8.32 6.79
N LEU A 119 13.64 -7.27 7.56
CA LEU A 119 13.00 -5.97 7.27
C LEU A 119 13.40 -5.45 5.89
N LEU A 120 14.67 -5.65 5.53
CA LEU A 120 15.17 -5.24 4.22
C LEU A 120 14.64 -6.15 3.10
N LEU A 121 14.39 -7.42 3.42
CA LEU A 121 13.75 -8.34 2.49
C LEU A 121 12.31 -7.93 2.22
N PHE A 122 11.57 -7.55 3.26
CA PHE A 122 10.23 -6.96 3.08
C PHE A 122 10.28 -5.75 2.16
N ALA A 123 11.24 -4.86 2.41
CA ALA A 123 11.44 -3.65 1.62
C ALA A 123 11.72 -3.96 0.14
N GLN A 124 12.63 -4.90 -0.09
CA GLN A 124 12.95 -5.38 -1.44
C GLN A 124 11.73 -5.89 -2.18
N GLN A 125 10.94 -6.72 -1.52
CA GLN A 125 9.71 -7.26 -2.11
C GLN A 125 8.67 -6.17 -2.41
N ILE A 126 8.58 -5.15 -1.55
CA ILE A 126 7.70 -4.00 -1.85
C ILE A 126 8.18 -3.31 -3.14
N CYS A 127 9.49 -3.08 -3.26
CA CYS A 127 10.04 -2.45 -4.45
C CYS A 127 9.83 -3.26 -5.73
N GLU A 128 9.89 -4.59 -5.63
CA GLU A 128 9.63 -5.47 -6.77
C GLU A 128 8.18 -5.37 -7.26
N GLY A 129 7.25 -5.36 -6.31
CA GLY A 129 5.83 -5.18 -6.63
C GLY A 129 5.52 -3.82 -7.22
N MET A 130 6.14 -2.78 -6.64
CA MET A 130 5.95 -1.41 -7.09
C MET A 130 6.61 -1.14 -8.45
N ALA A 131 7.77 -1.76 -8.68
CA ALA A 131 8.41 -1.72 -9.99
C ALA A 131 7.50 -2.35 -11.04
N TYR A 132 6.87 -3.46 -10.69
CA TYR A 132 5.87 -4.09 -11.56
C TYR A 132 4.68 -3.15 -11.80
N LEU A 133 4.14 -2.56 -10.73
CA LEU A 133 3.02 -1.62 -10.84
C LEU A 133 3.33 -0.47 -11.81
N HIS A 134 4.50 0.13 -11.65
CA HIS A 134 4.92 1.26 -12.51
C HIS A 134 5.17 0.82 -13.95
N ALA A 135 5.56 -0.44 -14.13
CA ALA A 135 5.67 -1.09 -15.46
C ALA A 135 4.35 -1.11 -16.20
N GLN A 136 3.25 -1.14 -15.46
CA GLN A 136 1.90 -1.15 -16.01
C GLN A 136 1.33 0.26 -16.12
N HIS A 137 2.16 1.25 -15.83
CA HIS A 137 1.80 2.67 -15.91
C HIS A 137 0.71 3.06 -14.93
N TYR A 138 0.80 2.47 -13.74
CA TYR A 138 -0.06 2.83 -12.60
C TYR A 138 0.76 3.44 -11.48
N ILE A 139 0.17 4.41 -10.79
CA ILE A 139 0.69 4.88 -9.50
C ILE A 139 -0.25 4.38 -8.40
N HIS A 140 0.30 4.11 -7.23
CA HIS A 140 -0.47 3.54 -6.12
C HIS A 140 -1.13 4.62 -5.26
N ARG A 141 -0.33 5.62 -4.86
CA ARG A 141 -0.79 6.81 -4.11
C ARG A 141 -1.22 6.55 -2.67
N ASN A 142 -0.97 5.35 -2.15
CA ASN A 142 -1.32 5.02 -0.76
C ASN A 142 -0.41 3.94 -0.17
N LEU A 143 0.87 4.01 -0.53
CA LEU A 143 1.86 3.07 -0.02
C LEU A 143 2.21 3.42 1.43
N ALA A 144 1.87 2.51 2.33
CA ALA A 144 2.19 2.61 3.75
C ALA A 144 2.26 1.17 4.24
N ALA A 145 2.87 0.96 5.41
CA ALA A 145 2.96 -0.37 6.01
C ALA A 145 1.59 -1.00 6.27
N ARG A 146 0.59 -0.19 6.58
CA ARG A 146 -0.75 -0.70 6.85
C ARG A 146 -1.42 -1.26 5.59
N ASN A 147 -0.93 -0.85 4.43
CA ASN A 147 -1.47 -1.28 3.12
C ASN A 147 -0.64 -2.37 2.42
N VAL A 148 0.37 -2.89 3.12
CA VAL A 148 1.18 -4.00 2.63
C VAL A 148 0.83 -5.25 3.45
N LEU A 149 0.36 -6.27 2.75
CA LEU A 149 -0.09 -7.51 3.40
C LEU A 149 0.99 -8.58 3.29
N LEU A 150 0.84 -9.64 4.07
CA LEU A 150 1.80 -10.75 4.08
C LEU A 150 1.08 -12.08 3.88
N ASP A 151 1.57 -12.90 2.96
CA ASP A 151 1.03 -14.26 2.81
C ASP A 151 1.60 -15.18 3.89
N ASN A 152 1.30 -16.47 3.81
CA ASN A 152 1.65 -17.40 4.89
C ASN A 152 3.15 -17.70 5.05
N ASP A 153 3.95 -17.47 4.00
CA ASP A 153 5.41 -17.55 4.14
C ASP A 153 6.06 -16.16 4.17
N ARG A 154 5.32 -15.19 4.70
CA ARG A 154 5.78 -13.80 4.87
C ARG A 154 6.16 -13.12 3.56
N LEU A 155 5.51 -13.46 2.46
CA LEU A 155 5.78 -12.76 1.22
C LEU A 155 4.87 -11.54 1.13
N VAL A 156 5.45 -10.42 0.74
CA VAL A 156 4.72 -9.15 0.62
C VAL A 156 3.63 -9.21 -0.45
N LYS A 157 2.45 -8.71 -0.10
CA LYS A 157 1.36 -8.54 -1.06
C LYS A 157 0.83 -7.12 -0.92
N ILE A 158 1.19 -6.25 -1.87
CA ILE A 158 0.75 -4.85 -1.82
C ILE A 158 -0.76 -4.81 -2.03
N GLY A 159 -1.45 -4.00 -1.22
CA GLY A 159 -2.90 -3.92 -1.26
C GLY A 159 -3.43 -2.49 -1.27
N ASP A 160 -4.69 -2.38 -0.88
CA ASP A 160 -5.54 -1.18 -1.03
C ASP A 160 -5.19 -0.25 -2.19
N PHE A 161 -5.73 -0.61 -3.37
CA PHE A 161 -5.54 0.16 -4.59
C PHE A 161 -6.65 1.21 -4.78
N GLY A 162 -7.23 1.65 -3.67
CA GLY A 162 -8.34 2.61 -3.69
C GLY A 162 -7.96 3.99 -4.17
N LEU A 163 -6.68 4.35 -4.04
CA LEU A 163 -6.17 5.63 -4.56
C LEU A 163 -5.39 5.50 -5.86
N ALA A 164 -5.25 4.26 -6.36
CA ALA A 164 -4.40 4.01 -7.53
C ALA A 164 -4.97 4.67 -8.79
N LYS A 165 -4.09 5.04 -9.71
CA LYS A 165 -4.48 5.72 -10.95
C LYS A 165 -3.55 5.32 -12.09
N ALA A 166 -4.12 5.24 -13.30
CA ALA A 166 -3.33 5.15 -14.52
C ALA A 166 -2.67 6.51 -14.75
N VAL A 167 -1.37 6.51 -15.05
CA VAL A 167 -0.68 7.75 -15.44
C VAL A 167 -0.76 7.90 -16.96
N PRO A 168 -1.37 9.01 -17.45
CA PRO A 168 -1.49 9.27 -18.89
C PRO A 168 -0.22 8.94 -19.69
N GLU A 169 -0.41 8.28 -20.82
CA GLU A 169 0.73 7.82 -21.63
C GLU A 169 1.62 8.97 -22.06
N GLY A 170 2.93 8.77 -21.94
CA GLY A 170 3.92 9.81 -22.21
C GLY A 170 4.36 10.58 -20.97
N HIS A 171 3.50 10.65 -19.97
CA HIS A 171 3.69 11.51 -18.81
C HIS A 171 4.37 10.80 -17.64
N GLU A 172 5.00 11.60 -16.78
CA GLU A 172 5.71 11.10 -15.61
C GLU A 172 4.87 11.26 -14.32
N TYR A 173 3.79 12.04 -14.41
CA TYR A 173 2.89 12.26 -13.28
C TYR A 173 1.43 12.42 -13.68
N TYR A 174 0.57 12.36 -12.67
CA TYR A 174 -0.87 12.53 -12.81
C TYR A 174 -1.31 13.62 -11.82
N ARG A 175 -2.03 14.62 -12.32
CA ARG A 175 -2.49 15.74 -11.48
C ARG A 175 -3.91 15.48 -10.97
N VAL A 176 -4.03 15.29 -9.66
CA VAL A 176 -5.28 14.82 -9.06
C VAL A 176 -6.37 15.89 -9.00
N ARG A 177 -7.62 15.44 -9.05
CA ARG A 177 -8.77 16.34 -9.03
C ARG A 177 -9.10 16.82 -7.62
N GLU A 178 -9.44 15.87 -6.75
CA GLU A 178 -9.87 16.17 -5.38
C GLU A 178 -9.64 14.97 -4.46
N ASP A 179 -8.76 15.13 -3.49
CA ASP A 179 -8.45 14.04 -2.54
C ASP A 179 -9.48 13.95 -1.42
N GLY A 180 -10.15 12.80 -1.33
CA GLY A 180 -11.07 12.52 -0.23
C GLY A 180 -10.29 12.37 1.06
N ASP A 181 -9.30 11.49 1.04
CA ASP A 181 -8.32 11.34 2.11
C ASP A 181 -6.94 11.45 1.50
N SER A 182 -5.95 11.77 2.35
CA SER A 182 -4.58 12.03 1.88
C SER A 182 -3.80 10.75 1.52
N PRO A 183 -2.92 10.20 2.41
CA PRO A 183 -2.38 10.45 3.75
C PRO A 183 -1.10 11.30 3.76
N VAL A 184 -1.22 12.52 4.29
CA VAL A 184 -0.24 13.59 4.07
C VAL A 184 1.16 13.30 4.62
N PHE A 185 1.25 12.52 5.69
CA PHE A 185 2.54 12.19 6.31
C PHE A 185 3.35 11.14 5.54
N TRP A 186 2.75 10.57 4.48
CA TRP A 186 3.45 9.67 3.57
C TRP A 186 3.67 10.29 2.19
N TYR A 187 3.31 11.55 2.02
CA TYR A 187 3.27 12.21 0.71
C TYR A 187 4.42 13.18 0.45
N ALA A 188 4.87 13.19 -0.81
CA ALA A 188 5.96 14.04 -1.24
C ALA A 188 5.48 15.49 -1.37
N PRO A 189 6.40 16.46 -1.26
CA PRO A 189 6.09 17.88 -1.38
C PRO A 189 5.28 18.28 -2.60
N GLU A 190 5.60 17.71 -3.75
CA GLU A 190 4.90 18.04 -5.00
C GLU A 190 3.42 17.60 -4.96
N CYS A 191 3.13 16.56 -4.19
CA CYS A 191 1.75 16.11 -3.96
C CYS A 191 0.99 17.09 -3.06
N LEU A 192 1.66 17.55 -1.99
CA LEU A 192 1.06 18.46 -1.02
C LEU A 192 0.82 19.87 -1.58
N LYS A 193 1.79 20.36 -2.34
CA LYS A 193 1.74 21.73 -2.91
C LYS A 193 0.99 21.80 -4.24
N GLU A 194 1.44 21.00 -5.21
CA GLU A 194 0.98 21.12 -6.60
C GLU A 194 -0.04 20.05 -7.00
N TYR A 195 -0.38 19.16 -6.07
CA TYR A 195 -1.31 18.04 -6.32
C TYR A 195 -0.87 17.16 -7.51
N LYS A 196 0.44 17.08 -7.72
CA LYS A 196 1.02 16.27 -8.78
C LYS A 196 1.54 14.97 -8.16
N PHE A 197 1.17 13.84 -8.74
CA PHE A 197 1.67 12.56 -8.28
C PHE A 197 2.50 11.85 -9.35
N TYR A 198 3.82 11.91 -9.17
CA TYR A 198 4.77 11.24 -10.05
C TYR A 198 4.87 9.77 -9.67
N TYR A 199 5.41 8.96 -10.56
CA TYR A 199 5.92 7.65 -10.16
C TYR A 199 6.88 7.84 -8.98
N ALA A 200 7.71 8.87 -9.07
CA ALA A 200 8.68 9.20 -8.02
C ALA A 200 8.04 9.55 -6.67
N SER A 201 6.77 9.95 -6.69
CA SER A 201 6.02 10.21 -5.47
C SER A 201 5.74 8.93 -4.69
N ASP A 202 5.52 7.82 -5.40
CA ASP A 202 5.40 6.50 -4.74
C ASP A 202 6.71 6.08 -4.07
N VAL A 203 7.84 6.43 -4.69
CA VAL A 203 9.16 6.13 -4.12
C VAL A 203 9.36 6.92 -2.82
N TRP A 204 8.88 8.17 -2.78
CA TRP A 204 8.86 8.94 -1.53
C TRP A 204 8.09 8.18 -0.44
N SER A 205 6.88 7.72 -0.78
CA SER A 205 6.01 6.99 0.13
C SER A 205 6.66 5.68 0.58
N PHE A 206 7.37 5.04 -0.33
CA PHE A 206 8.13 3.84 0.01
C PHE A 206 9.21 4.15 1.07
N GLY A 207 9.86 5.30 0.95
CA GLY A 207 10.85 5.75 1.94
C GLY A 207 10.28 5.83 3.33
N VAL A 208 9.08 6.39 3.43
CA VAL A 208 8.36 6.48 4.70
C VAL A 208 7.96 5.08 5.21
N THR A 209 7.53 4.21 4.29
CA THR A 209 7.22 2.82 4.66
C THR A 209 8.45 2.06 5.19
N LEU A 210 9.61 2.29 4.57
CA LEU A 210 10.89 1.74 5.04
C LEU A 210 11.22 2.27 6.44
N TYR A 211 10.97 3.56 6.66
CA TYR A 211 11.11 4.14 7.99
C TYR A 211 10.21 3.42 9.02
N GLU A 212 8.96 3.17 8.63
CA GLU A 212 8.02 2.37 9.44
C GLU A 212 8.56 0.99 9.78
N LEU A 213 9.06 0.27 8.77
CA LEU A 213 9.67 -1.05 8.99
C LEU A 213 10.80 -1.00 10.02
N LEU A 214 11.68 -0.02 9.85
CA LEU A 214 12.86 0.14 10.71
C LEU A 214 12.53 0.63 12.14
N THR A 215 11.35 1.22 12.33
CA THR A 215 10.83 1.54 13.67
C THR A 215 9.82 0.49 14.17
N HIS A 216 9.65 -0.58 13.40
CA HIS A 216 8.74 -1.70 13.71
C HIS A 216 7.30 -1.27 13.97
N CYS A 217 6.90 -0.19 13.28
CA CYS A 217 5.59 0.41 13.41
C CYS A 217 5.21 0.77 14.86
N ASP A 218 6.21 1.21 15.62
CA ASP A 218 6.01 1.78 16.95
C ASP A 218 5.29 3.13 16.78
N SER A 219 4.23 3.37 17.56
CA SER A 219 3.44 4.59 17.40
C SER A 219 4.20 5.84 17.81
N SER A 220 4.98 5.73 18.90
CA SER A 220 5.76 6.87 19.39
C SER A 220 6.78 7.37 18.37
N GLN A 221 7.18 6.50 17.44
CA GLN A 221 8.13 6.84 16.38
C GLN A 221 7.47 6.99 15.00
N SER A 222 6.13 6.95 14.95
CA SER A 222 5.40 6.96 13.68
C SER A 222 5.62 8.27 12.92
N PRO A 223 5.47 8.25 11.59
CA PRO A 223 5.62 9.50 10.84
C PRO A 223 4.74 10.66 11.32
N PRO A 224 3.43 10.44 11.57
CA PRO A 224 2.63 11.54 12.15
C PRO A 224 3.18 12.11 13.46
N THR A 225 3.53 11.23 14.39
CA THR A 225 4.04 11.63 15.70
C THR A 225 5.35 12.41 15.57
N LYS A 226 6.25 11.92 14.73
CA LYS A 226 7.54 12.58 14.53
C LYS A 226 7.43 13.89 13.75
N PHE A 227 6.64 13.91 12.69
CA PHE A 227 6.41 15.17 11.96
C PHE A 227 5.71 16.23 12.81
N LEU A 228 4.74 15.83 13.63
CA LEU A 228 4.07 16.78 14.51
C LEU A 228 5.03 17.36 15.54
N GLU A 229 5.99 16.54 15.98
CA GLU A 229 7.08 17.03 16.84
C GLU A 229 7.97 18.05 16.12
N LEU A 230 8.31 17.78 14.87
CA LEU A 230 9.12 18.71 14.07
C LEU A 230 8.37 20.00 13.78
N ILE A 231 7.10 19.89 13.44
CA ILE A 231 6.23 21.04 13.20
C ILE A 231 6.12 21.93 14.44
N GLY A 232 6.02 21.28 15.60
CA GLY A 232 5.98 22.00 16.88
C GLY A 232 4.66 22.69 17.13
N THR A 239 -1.64 22.45 9.51
CA THR A 239 -0.47 21.57 9.66
C THR A 239 0.16 21.16 8.32
N VAL A 240 -0.65 21.10 7.26
CA VAL A 240 -0.15 20.73 5.92
C VAL A 240 0.77 21.80 5.32
N LEU A 241 0.49 23.06 5.63
CA LEU A 241 1.34 24.18 5.23
C LEU A 241 2.69 24.06 5.93
N ARG A 242 2.66 23.88 7.25
CA ARG A 242 3.88 23.76 8.04
C ARG A 242 4.66 22.48 7.73
N LEU A 243 3.94 21.42 7.36
CA LEU A 243 4.58 20.20 6.88
C LEU A 243 5.31 20.47 5.57
N THR A 244 4.62 21.16 4.66
CA THR A 244 5.20 21.51 3.37
C THR A 244 6.45 22.38 3.55
N GLU A 245 6.36 23.38 4.42
CA GLU A 245 7.50 24.28 4.72
C GLU A 245 8.66 23.54 5.40
N LEU A 246 8.32 22.61 6.29
CA LEU A 246 9.29 21.76 6.96
C LEU A 246 10.14 20.95 5.96
N LEU A 247 9.46 20.35 5.00
CA LEU A 247 10.12 19.51 3.99
C LEU A 247 10.89 20.35 2.97
N GLU A 248 10.36 21.52 2.62
CA GLU A 248 11.04 22.44 1.70
C GLU A 248 12.38 22.91 2.27
N ARG A 249 12.43 23.11 3.59
CA ARG A 249 13.68 23.50 4.28
C ARG A 249 14.64 22.33 4.52
N GLY A 250 14.24 21.12 4.13
CA GLY A 250 15.11 19.95 4.13
C GLY A 250 15.04 19.08 5.37
N GLU A 251 14.08 19.37 6.25
CA GLU A 251 13.88 18.54 7.43
C GLU A 251 13.23 17.24 7.02
N ARG A 252 13.67 16.15 7.64
CA ARG A 252 13.17 14.81 7.35
C ARG A 252 13.00 14.04 8.65
N LEU A 253 12.27 12.93 8.55
CA LEU A 253 12.17 11.98 9.67
C LEU A 253 13.58 11.56 10.10
N PRO A 254 13.78 11.35 11.40
CA PRO A 254 15.11 11.03 11.92
C PRO A 254 15.49 9.59 11.62
N ARG A 255 16.77 9.30 11.78
CA ARG A 255 17.25 7.94 11.64
C ARG A 255 16.73 7.07 12.79
N PRO A 256 16.02 5.96 12.46
CA PRO A 256 15.56 5.05 13.50
C PRO A 256 16.69 4.49 14.36
N ASP A 257 16.39 4.21 15.62
CA ASP A 257 17.32 3.55 16.52
C ASP A 257 17.88 2.28 15.88
N LYS A 258 19.20 2.15 15.92
CA LYS A 258 19.95 0.99 15.38
C LYS A 258 19.95 0.85 13.86
N CYS A 259 19.46 1.86 13.13
CA CYS A 259 19.48 1.84 11.67
C CYS A 259 20.88 2.17 11.16
N PRO A 260 21.49 1.29 10.34
CA PRO A 260 22.81 1.62 9.78
C PRO A 260 22.79 2.86 8.89
N CYS A 261 23.93 3.55 8.80
CA CYS A 261 24.03 4.80 8.05
C CYS A 261 23.53 4.64 6.62
N GLU A 262 24.02 3.61 5.95
CA GLU A 262 23.77 3.39 4.52
C GLU A 262 22.31 3.04 4.23
N VAL A 263 21.61 2.44 5.21
CA VAL A 263 20.17 2.20 5.09
C VAL A 263 19.39 3.51 5.23
N TYR A 264 19.82 4.37 6.17
CA TYR A 264 19.23 5.71 6.32
C TYR A 264 19.49 6.55 5.07
N HIS A 265 20.65 6.36 4.45
CA HIS A 265 20.97 7.05 3.18
C HIS A 265 19.98 6.65 2.08
N LEU A 266 19.66 5.36 2.04
CA LEU A 266 18.69 4.82 1.08
C LEU A 266 17.35 5.55 1.24
N MET A 267 16.87 5.62 2.49
CA MET A 267 15.65 6.37 2.83
C MET A 267 15.68 7.83 2.41
N LYS A 268 16.79 8.50 2.72
CA LYS A 268 16.95 9.91 2.38
C LYS A 268 16.96 10.14 0.87
N ASN A 269 17.53 9.19 0.12
CA ASN A 269 17.52 9.25 -1.34
C ASN A 269 16.08 9.25 -1.88
N CYS A 270 15.21 8.43 -1.28
CA CYS A 270 13.79 8.41 -1.62
C CYS A 270 13.06 9.71 -1.24
N TRP A 271 13.61 10.47 -0.31
CA TRP A 271 13.04 11.76 0.09
C TRP A 271 13.74 12.99 -0.53
N GLU A 272 14.46 12.83 -1.62
CA GLU A 272 15.04 14.00 -2.30
C GLU A 272 13.88 14.89 -2.75
N THR A 273 14.01 16.20 -2.54
CA THR A 273 12.93 17.14 -2.87
C THR A 273 12.56 17.14 -4.36
N GLU A 274 13.57 17.11 -5.24
CA GLU A 274 13.31 17.03 -6.68
C GLU A 274 12.95 15.61 -7.10
N ALA A 275 11.70 15.42 -7.51
CA ALA A 275 11.15 14.10 -7.81
C ALA A 275 11.98 13.30 -8.82
N SER A 276 12.45 13.96 -9.88
CA SER A 276 13.20 13.28 -10.94
C SER A 276 14.59 12.75 -10.52
N PHE A 277 15.11 13.19 -9.38
CA PHE A 277 16.44 12.77 -8.90
C PHE A 277 16.41 11.63 -7.88
N ARG A 278 15.19 11.26 -7.46
CA ARG A 278 15.01 10.14 -6.55
C ARG A 278 15.24 8.84 -7.32
N PRO A 279 15.61 7.76 -6.61
CA PRO A 279 15.73 6.49 -7.32
C PRO A 279 14.37 6.00 -7.81
N THR A 280 14.39 5.23 -8.88
CA THR A 280 13.22 4.47 -9.34
C THR A 280 13.14 3.17 -8.55
N PHE A 281 11.99 2.51 -8.57
CA PHE A 281 11.85 1.22 -7.88
C PHE A 281 12.78 0.16 -8.49
N GLU A 282 12.96 0.21 -9.80
CA GLU A 282 13.95 -0.65 -10.47
C GLU A 282 15.37 -0.43 -9.92
N ASN A 283 15.74 0.82 -9.69
CA ASN A 283 17.04 1.14 -9.07
C ASN A 283 17.14 0.59 -7.64
N LEU A 284 16.03 0.62 -6.91
CA LEU A 284 16.02 0.27 -5.49
C LEU A 284 16.18 -1.22 -5.23
N ILE A 285 15.73 -2.07 -6.16
CA ILE A 285 15.80 -3.52 -5.98
C ILE A 285 17.24 -4.06 -5.78
N PRO A 286 18.17 -3.80 -6.73
CA PRO A 286 19.54 -4.30 -6.51
C PRO A 286 20.22 -3.77 -5.25
N ILE A 287 20.00 -2.50 -4.92
CA ILE A 287 20.58 -1.92 -3.71
C ILE A 287 20.05 -2.63 -2.45
N LEU A 288 18.75 -2.85 -2.38
CA LEU A 288 18.13 -3.52 -1.25
C LEU A 288 18.58 -4.98 -1.13
N LYS A 289 18.72 -5.66 -2.28
CA LYS A 289 19.26 -7.03 -2.31
C LYS A 289 20.65 -7.08 -1.67
N THR A 290 21.49 -6.13 -2.05
CA THR A 290 22.87 -6.05 -1.57
C THR A 290 22.95 -5.83 -0.06
N VAL A 291 22.17 -4.88 0.45
CA VAL A 291 22.16 -4.58 1.88
C VAL A 291 21.50 -5.72 2.68
N HIS A 292 20.48 -6.35 2.10
CA HIS A 292 19.87 -7.55 2.70
C HIS A 292 20.89 -8.67 2.91
N GLU A 293 21.61 -9.00 1.84
CA GLU A 293 22.60 -10.08 1.88
C GLU A 293 23.76 -9.72 2.81
N LYS A 294 24.13 -8.45 2.82
CA LYS A 294 25.15 -7.92 3.74
C LYS A 294 24.79 -8.18 5.21
N TYR A 295 23.55 -7.84 5.59
CA TYR A 295 23.15 -7.88 7.01
C TYR A 295 22.60 -9.21 7.51
N ARG A 296 22.58 -10.24 6.65
CA ARG A 296 22.35 -11.60 7.14
C ARG A 296 23.71 -12.28 7.41
N HIS A 297 23.86 -12.79 8.64
CA HIS A 297 25.15 -13.30 9.16
C HIS A 297 26.24 -12.22 9.15
O0 IZA B . -6.76 -11.50 3.32
C11 IZA B . -6.79 -10.38 2.75
N2 IZA B . -6.95 -10.31 1.41
C12 IZA B . -7.01 -9.13 0.77
C13 IZA B . -6.91 -7.91 1.46
C9 IZA B . -6.75 -7.90 2.84
C1 IZA B . -6.64 -6.71 3.56
C10 IZA B . -6.68 -9.12 3.54
C8 IZA B . -6.51 -9.11 5.02
C7 IZA B . -6.43 -10.32 5.87
C6 IZA B . -6.27 -10.15 7.20
F1 IZA B . -6.18 -11.22 7.94
C5 IZA B . -6.19 -8.99 7.72
C4 IZA B . -6.26 -7.80 7.01
C3 IZA B . -6.41 -7.80 5.72
C0 IZA B . -6.49 -6.66 4.94
N1 IZA B . -6.39 -5.32 5.32
C2 IZA B . -6.49 -4.63 4.18
N0 IZA B . -6.66 -5.44 3.13
C14 IZA B . -6.38 -3.11 4.06
C17 IZA B . -6.16 -2.53 5.45
C16 IZA B . -7.62 -2.53 3.40
C15 IZA B . -5.16 -2.82 3.19
#